data_7SJ4
#
_entry.id   7SJ4
#
loop_
_entity.id
_entity.type
_entity.pdbx_description
1 polymer 'Triple functional domain protein'
2 polymer 'Ras-related C3 botulinum toxin substrate 1'
3 water water
#
loop_
_entity_poly.entity_id
_entity_poly.type
_entity_poly.pdbx_seq_one_letter_code
_entity_poly.pdbx_strand_id
1 'polypeptide(L)'
;SNAEEKRKSARRKEFIMAELIQTEKAYVRDLRECMDTYLWEMTSGVEEIPPGIVNKELIIFGNMQEIYEFHNNIFLKELE
KYEQLPEDVGHCFVTWADKFQMYVTYCKNKPDSTQLILEHAGSYFDEIQQRHGLANSISSYLIKPVQRITKYQLLLKELL
TCCEEGKGEIKDGLEVMLSVPKRANDAMHLSMLEGFDENIESQGELILQESFQVWDPKTLIRKGRERHLFLFEMSLVFSK
EVKDSSGRSKYLYKSKLFTSELGVTEHVEGDPCKFALWVGRTPTSDNKIVLKASSIENKQDWIKHIREVIQERTIHLKGA
LKEPIHIPKTAPATRQKGRRDGEDLDSQGDGSSQPDTISIASRTSQNTLDSDKLSGGCELTVVIHDFTACNSNELTIRRG
QTVEVLERPHDKPDWCLVRTTDRSPAAEGLVPCGSLCIAHSRSSMEMEGIFNHKDSLSVSSNDASPPASVASLQPHMIGA
QSSPGPKRPGNTLRKWLTSPVRRLSSGKADGHVKKLAHKHKKSREVRKSADAGSQKDSDDSAATPQDETVEERGRNEGLS
SGTLSKSSSSGMQSCGEEEGEEGADAVPLPPPMAIQQHSLLQPDSQDDKASSRLLVRPTSSETPSAAELVSAIEELVKSK
MALEDRPSSLLVDQGDSSSPSFNPSDNSLLSSSSPIDEM
;
A
2 'polypeptide(L)'
;GEFMQAIKCVVVGDGAVGKTCLLISYTTNAFPGEYIPTVFDNYSANVMVDGKPVNLGLWDTAGQEDYDRLRPLSYPQTDV
FLICFSLVSPASFENVRAKWYPEVRHHCPNTPIILVGTKLDLRDDKDTIEKLKEKKLTPITYPQGLAMAKEIGAVKYLEC
SALTQRGLKTVFDEAIRAVLCPPPVKKRKRKCLLL
;
B
#
# COMPACT_ATOMS: atom_id res chain seq x y z
N ASN A 2 31.49 -10.79 -20.00
CA ASN A 2 30.09 -10.41 -19.89
C ASN A 2 29.93 -8.89 -20.02
N ALA A 3 30.24 -8.37 -21.21
CA ALA A 3 30.11 -6.93 -21.44
C ALA A 3 28.65 -6.49 -21.36
N GLU A 4 27.74 -7.30 -21.93
CA GLU A 4 26.33 -6.95 -21.90
C GLU A 4 25.79 -6.90 -20.48
N GLU A 5 26.21 -7.84 -19.64
CA GLU A 5 25.76 -7.85 -18.24
C GLU A 5 26.20 -6.59 -17.52
N LYS A 6 27.47 -6.20 -17.69
CA LYS A 6 27.97 -4.99 -17.04
C LYS A 6 27.25 -3.76 -17.56
N ARG A 7 27.03 -3.68 -18.87
CA ARG A 7 26.33 -2.54 -19.45
C ARG A 7 24.94 -2.41 -18.87
N LYS A 8 24.17 -3.51 -18.87
CA LYS A 8 22.81 -3.47 -18.35
C LYS A 8 22.79 -3.11 -16.87
N SER A 9 23.68 -3.72 -16.09
CA SER A 9 23.71 -3.45 -14.65
C SER A 9 24.00 -1.98 -14.37
N ALA A 10 25.06 -1.44 -14.99
CA ALA A 10 25.42 -0.05 -14.75
C ALA A 10 24.32 0.90 -15.20
N ARG A 11 23.75 0.66 -16.38
CA ARG A 11 22.73 1.55 -16.91
C ARG A 11 21.49 1.55 -16.01
N ARG A 12 21.04 0.35 -15.61
CA ARG A 12 19.86 0.28 -14.74
C ARG A 12 20.14 0.89 -13.38
N LYS A 13 21.34 0.70 -12.84
CA LYS A 13 21.68 1.28 -11.55
C LYS A 13 21.63 2.81 -11.62
N GLU A 14 22.22 3.38 -12.68
CA GLU A 14 22.18 4.83 -12.84
C GLU A 14 20.75 5.33 -12.98
N PHE A 15 19.93 4.63 -13.76
CA PHE A 15 18.53 5.02 -13.91
C PHE A 15 17.79 4.99 -12.57
N ILE A 16 18.01 3.94 -11.76
CA ILE A 16 17.30 3.84 -10.50
C ILE A 16 17.73 4.95 -9.54
N MET A 17 19.04 5.23 -9.46
CA MET A 17 19.49 6.30 -8.58
C MET A 17 18.95 7.66 -9.04
N ALA A 18 18.96 7.90 -10.34
CA ALA A 18 18.43 9.16 -10.86
C ALA A 18 16.95 9.31 -10.52
N GLU A 19 16.17 8.24 -10.67
CA GLU A 19 14.76 8.32 -10.31
C GLU A 19 14.58 8.55 -8.82
N LEU A 20 15.42 7.90 -8.00
CA LEU A 20 15.32 8.07 -6.55
C LEU A 20 15.52 9.53 -6.16
N ILE A 21 16.48 10.21 -6.77
CA ILE A 21 16.70 11.62 -6.43
C ILE A 21 15.62 12.51 -7.04
N GLN A 22 15.27 12.30 -8.31
CA GLN A 22 14.36 13.19 -9.01
C GLN A 22 12.91 13.02 -8.59
N THR A 23 12.56 11.94 -7.90
CA THR A 23 11.23 11.85 -7.32
C THR A 23 11.18 12.38 -5.89
N GLU A 24 12.28 12.27 -5.16
CA GLU A 24 12.36 12.92 -3.85
C GLU A 24 12.26 14.44 -3.99
N LYS A 25 12.91 15.00 -5.01
CA LYS A 25 12.80 16.44 -5.23
C LYS A 25 11.36 16.85 -5.50
N ALA A 26 10.64 16.07 -6.33
CA ALA A 26 9.26 16.39 -6.64
C ALA A 26 8.37 16.24 -5.41
N TYR A 27 8.64 15.24 -4.57
CA TYR A 27 7.90 15.08 -3.33
C TYR A 27 8.08 16.27 -2.40
N VAL A 28 9.31 16.76 -2.28
CA VAL A 28 9.56 17.93 -1.45
C VAL A 28 8.85 19.16 -2.02
N ARG A 29 8.90 19.32 -3.34
CA ARG A 29 8.21 20.45 -3.97
C ARG A 29 6.71 20.39 -3.71
N ASP A 30 6.11 19.21 -3.83
CA ASP A 30 4.67 19.08 -3.61
C ASP A 30 4.30 19.34 -2.15
N LEU A 31 5.14 18.88 -1.21
CA LEU A 31 4.89 19.19 0.20
C LEU A 31 4.95 20.69 0.45
N ARG A 32 5.94 21.37 -0.12
CA ARG A 32 6.03 22.81 0.06
C ARG A 32 4.81 23.53 -0.53
N GLU A 33 4.36 23.10 -1.72
CA GLU A 33 3.19 23.71 -2.32
C GLU A 33 1.95 23.49 -1.46
N CYS A 34 1.78 22.28 -0.93
CA CYS A 34 0.62 22.01 -0.06
C CYS A 34 0.68 22.88 1.19
N MET A 35 1.86 23.03 1.78
CA MET A 35 1.99 23.87 2.96
C MET A 35 1.69 25.34 2.65
N ASP A 36 2.13 25.82 1.50
CA ASP A 36 2.02 27.23 1.17
C ASP A 36 0.72 27.60 0.46
N THR A 37 -0.13 26.64 0.15
CA THR A 37 -1.39 26.94 -0.55
C THR A 37 -2.62 26.69 0.30
N TYR A 38 -2.79 25.48 0.84
CA TYR A 38 -4.00 25.19 1.60
C TYR A 38 -3.84 25.50 3.09
N LEU A 39 -2.70 25.13 3.69
CA LEU A 39 -2.48 25.41 5.10
C LEU A 39 -2.41 26.91 5.37
N TRP A 40 -1.77 27.66 4.48
CA TRP A 40 -1.59 29.09 4.70
C TRP A 40 -2.92 29.81 4.77
N GLU A 41 -3.88 29.42 3.94
CA GLU A 41 -5.21 30.04 4.00
C GLU A 41 -5.87 29.77 5.35
N MET A 42 -5.71 28.56 5.88
CA MET A 42 -6.30 28.25 7.18
C MET A 42 -5.64 29.05 8.29
N THR A 43 -4.32 29.17 8.28
CA THR A 43 -3.63 29.82 9.39
C THR A 43 -3.69 31.34 9.28
N SER A 44 -3.13 31.91 8.22
CA SER A 44 -3.02 33.35 8.06
C SER A 44 -3.79 33.85 6.84
N GLY A 45 -5.01 33.35 6.64
CA GLY A 45 -5.83 33.73 5.52
C GLY A 45 -6.79 34.86 5.85
N VAL A 46 -7.59 35.23 4.86
CA VAL A 46 -8.58 36.29 5.01
C VAL A 46 -10.00 35.80 4.76
N GLU A 47 -10.18 34.60 4.24
CA GLU A 47 -11.52 34.09 3.92
C GLU A 47 -12.22 33.62 5.19
N GLU A 48 -13.51 33.34 5.06
CA GLU A 48 -14.34 32.90 6.18
C GLU A 48 -14.22 31.38 6.30
N ILE A 49 -13.47 30.93 7.30
CA ILE A 49 -13.31 29.49 7.55
C ILE A 49 -14.64 28.90 7.99
N PRO A 50 -15.00 27.70 7.53
CA PRO A 50 -16.21 27.07 8.03
C PRO A 50 -16.12 26.86 9.54
N PRO A 51 -17.24 26.92 10.24
CA PRO A 51 -17.20 26.82 11.71
C PRO A 51 -16.62 25.51 12.23
N GLY A 52 -16.81 24.41 11.50
CA GLY A 52 -16.41 23.10 12.01
C GLY A 52 -14.95 22.73 11.82
N ILE A 53 -14.17 23.54 11.11
CA ILE A 53 -12.78 23.20 10.85
C ILE A 53 -11.86 24.31 11.30
N VAL A 54 -12.35 25.21 12.14
CA VAL A 54 -11.54 26.31 12.65
C VAL A 54 -10.63 25.79 13.76
N ASN A 55 -9.38 26.26 13.75
CA ASN A 55 -8.36 25.92 14.75
C ASN A 55 -8.04 24.42 14.76
N LYS A 56 -8.32 23.71 13.68
CA LYS A 56 -8.08 22.28 13.58
C LYS A 56 -7.17 21.95 12.41
N GLU A 57 -6.19 22.80 12.13
CA GLU A 57 -5.27 22.50 11.03
C GLU A 57 -4.32 21.37 11.38
N LEU A 58 -4.00 21.19 12.66
CA LEU A 58 -3.12 20.10 13.06
C LEU A 58 -3.77 18.74 12.82
N ILE A 59 -5.08 18.64 13.05
CA ILE A 59 -5.78 17.40 12.76
C ILE A 59 -5.79 17.12 11.27
N ILE A 60 -6.05 18.15 10.46
CA ILE A 60 -6.23 17.95 9.02
C ILE A 60 -4.89 17.61 8.36
N PHE A 61 -3.85 18.39 8.65
CA PHE A 61 -2.58 18.21 7.98
C PHE A 61 -1.60 17.31 8.75
N GLY A 62 -1.96 16.88 9.96
CA GLY A 62 -1.07 16.03 10.72
C GLY A 62 0.25 16.72 11.01
N ASN A 63 1.32 15.93 11.02
CA ASN A 63 2.68 16.43 11.21
C ASN A 63 3.41 16.60 9.89
N MET A 64 2.70 17.00 8.85
CA MET A 64 3.31 17.17 7.53
C MET A 64 4.46 18.17 7.58
N GLN A 65 4.38 19.17 8.45
CA GLN A 65 5.46 20.14 8.58
C GLN A 65 6.73 19.47 9.12
N GLU A 66 6.58 18.53 10.05
CA GLU A 66 7.73 17.77 10.52
C GLU A 66 8.36 16.97 9.40
N ILE A 67 7.54 16.30 8.58
CA ILE A 67 8.06 15.52 7.46
C ILE A 67 8.78 16.42 6.47
N TYR A 68 8.20 17.58 6.17
CA TYR A 68 8.83 18.52 5.26
C TYR A 68 10.17 18.98 5.79
N GLU A 69 10.23 19.41 7.05
CA GLU A 69 11.49 19.89 7.62
C GLU A 69 12.52 18.77 7.76
N PHE A 70 12.08 17.52 7.85
CA PHE A 70 13.04 16.42 7.82
C PHE A 70 13.61 16.22 6.42
N HIS A 71 12.74 16.20 5.40
CA HIS A 71 13.20 15.96 4.04
C HIS A 71 13.89 17.18 3.45
N ASN A 72 13.33 18.38 3.67
CA ASN A 72 13.86 19.57 3.03
C ASN A 72 15.21 20.00 3.61
N ASN A 73 15.55 19.57 4.82
CA ASN A 73 16.77 20.05 5.47
C ASN A 73 17.83 18.98 5.66
N ILE A 74 17.47 17.70 5.69
CA ILE A 74 18.44 16.65 6.01
C ILE A 74 18.48 15.57 4.94
N PHE A 75 17.34 14.94 4.68
CA PHE A 75 17.32 13.69 3.93
C PHE A 75 17.77 13.90 2.48
N LEU A 76 17.27 14.94 1.83
CA LEU A 76 17.62 15.18 0.43
C LEU A 76 19.09 15.50 0.25
N LYS A 77 19.68 16.25 1.17
CA LYS A 77 21.12 16.50 1.11
C LYS A 77 21.93 15.21 1.24
N GLU A 78 21.44 14.25 2.00
CA GLU A 78 22.13 12.97 2.11
C GLU A 78 21.94 12.13 0.84
N LEU A 79 20.74 12.15 0.27
CA LEU A 79 20.51 11.39 -0.95
C LEU A 79 21.30 11.96 -2.13
N GLU A 80 21.54 13.27 -2.13
CA GLU A 80 22.34 13.87 -3.19
C GLU A 80 23.83 13.58 -3.03
N LYS A 81 24.30 13.27 -1.82
CA LYS A 81 25.71 12.98 -1.64
C LYS A 81 26.13 11.69 -2.35
N TYR A 82 25.28 10.67 -2.30
CA TYR A 82 25.60 9.37 -2.88
C TYR A 82 25.05 9.20 -4.29
N GLU A 83 24.94 10.28 -5.05
CA GLU A 83 24.43 10.17 -6.42
C GLU A 83 25.39 9.39 -7.30
N GLN A 84 26.69 9.53 -7.08
CA GLN A 84 27.69 8.80 -7.85
C GLN A 84 28.07 7.47 -7.23
N LEU A 85 27.49 7.12 -6.08
CA LEU A 85 27.75 5.85 -5.40
C LEU A 85 26.42 5.20 -5.04
N PRO A 86 25.68 4.69 -6.02
CA PRO A 86 24.36 4.11 -5.74
C PRO A 86 24.43 2.85 -4.88
N GLU A 87 25.60 2.22 -4.75
CA GLU A 87 25.68 0.97 -3.99
C GLU A 87 25.56 1.22 -2.48
N ASP A 88 25.89 2.43 -2.02
CA ASP A 88 25.89 2.73 -0.59
C ASP A 88 24.66 3.53 -0.14
N VAL A 89 23.69 3.75 -1.04
CA VAL A 89 22.55 4.59 -0.70
C VAL A 89 21.76 4.01 0.48
N GLY A 90 21.77 2.70 0.64
CA GLY A 90 21.06 2.10 1.76
C GLY A 90 21.58 2.59 3.10
N HIS A 91 22.85 2.99 3.17
CA HIS A 91 23.38 3.54 4.39
C HIS A 91 22.60 4.77 4.84
N CYS A 92 22.15 5.59 3.89
CA CYS A 92 21.36 6.77 4.24
C CYS A 92 20.06 6.40 4.93
N PHE A 93 19.57 5.18 4.69
CA PHE A 93 18.34 4.73 5.35
C PHE A 93 18.59 4.08 6.68
N VAL A 94 19.85 3.91 7.09
CA VAL A 94 20.16 3.29 8.38
C VAL A 94 20.39 4.35 9.46
N THR A 95 21.12 5.41 9.12
CA THR A 95 21.42 6.45 10.10
C THR A 95 20.14 7.13 10.59
N TRP A 96 19.20 7.41 9.68
CA TRP A 96 17.95 8.09 10.02
C TRP A 96 16.79 7.10 10.15
N ALA A 97 17.05 5.92 10.68
CA ALA A 97 16.02 4.88 10.75
C ALA A 97 14.88 5.31 11.66
N ASP A 98 15.19 5.90 12.81
CA ASP A 98 14.14 6.32 13.73
C ASP A 98 13.40 7.56 13.22
N LYS A 99 14.07 8.36 12.38
CA LYS A 99 13.47 9.60 11.89
C LYS A 99 12.23 9.34 11.04
N PHE A 100 12.07 8.14 10.51
CA PHE A 100 10.88 7.81 9.73
C PHE A 100 9.70 7.40 10.60
N GLN A 101 9.89 7.33 11.92
CA GLN A 101 8.78 6.99 12.81
C GLN A 101 7.65 8.00 12.70
N MET A 102 7.97 9.24 12.30
CA MET A 102 6.94 10.25 12.09
C MET A 102 5.89 9.77 11.09
N TYR A 103 6.32 9.03 10.07
CA TYR A 103 5.37 8.49 9.10
C TYR A 103 4.35 7.58 9.79
N VAL A 104 4.80 6.79 10.76
CA VAL A 104 3.89 5.95 11.52
C VAL A 104 2.81 6.80 12.17
N THR A 105 3.18 7.98 12.66
CA THR A 105 2.19 8.90 13.19
C THR A 105 1.22 9.36 12.11
N TYR A 106 1.77 9.75 10.95
CA TYR A 106 0.95 10.41 9.93
C TYR A 106 -0.23 9.53 9.51
N CYS A 107 0.05 8.27 9.18
CA CYS A 107 -1.00 7.36 8.76
C CYS A 107 -2.06 7.20 9.85
N LYS A 108 -1.63 7.18 11.12
CA LYS A 108 -2.58 7.04 12.21
C LYS A 108 -3.58 8.19 12.23
N ASN A 109 -3.16 9.37 11.78
CA ASN A 109 -4.06 10.52 11.74
C ASN A 109 -4.85 10.61 10.44
N LYS A 110 -4.54 9.76 9.45
CA LYS A 110 -5.21 9.88 8.16
C LYS A 110 -6.72 9.63 8.23
N PRO A 111 -7.22 8.58 8.89
CA PRO A 111 -8.67 8.44 9.03
C PRO A 111 -9.32 9.59 9.81
N ASP A 112 -8.61 10.14 10.79
CA ASP A 112 -9.16 11.26 11.55
C ASP A 112 -9.30 12.51 10.68
N SER A 113 -8.25 12.82 9.90
CA SER A 113 -8.27 14.02 9.07
C SER A 113 -9.30 13.90 7.94
N THR A 114 -9.26 12.79 7.19
CA THR A 114 -10.05 12.68 5.97
C THR A 114 -11.53 12.90 6.25
N GLN A 115 -12.09 12.17 7.21
CA GLN A 115 -13.50 12.32 7.53
C GLN A 115 -13.84 13.77 7.84
N LEU A 116 -12.96 14.45 8.59
CA LEU A 116 -13.21 15.85 8.92
C LEU A 116 -13.41 16.69 7.66
N ILE A 117 -12.56 16.48 6.66
CA ILE A 117 -12.69 17.24 5.41
C ILE A 117 -14.06 17.01 4.78
N LEU A 118 -14.57 15.78 4.85
CA LEU A 118 -15.87 15.47 4.30
C LEU A 118 -16.99 15.58 5.33
N GLU A 119 -16.69 16.10 6.52
CA GLU A 119 -17.72 16.30 7.54
C GLU A 119 -18.01 17.75 7.85
N HIS A 120 -17.01 18.62 7.84
CA HIS A 120 -17.21 20.02 8.20
C HIS A 120 -16.53 21.03 7.28
N ALA A 121 -15.61 20.60 6.40
CA ALA A 121 -14.91 21.58 5.55
C ALA A 121 -15.81 22.11 4.45
N GLY A 122 -16.67 21.25 3.89
CA GLY A 122 -17.55 21.70 2.82
C GLY A 122 -16.78 21.99 1.55
N SER A 123 -17.11 23.11 0.90
CA SER A 123 -16.46 23.54 -0.32
C SER A 123 -15.37 24.58 -0.06
N TYR A 124 -14.69 24.48 1.09
CA TYR A 124 -13.66 25.44 1.45
C TYR A 124 -12.40 25.23 0.62
N PHE A 125 -11.82 24.02 0.68
CA PHE A 125 -10.58 23.77 -0.04
C PHE A 125 -10.80 23.70 -1.55
N ASP A 126 -11.99 23.27 -1.98
CA ASP A 126 -12.30 23.34 -3.40
C ASP A 126 -12.27 24.79 -3.90
N GLU A 127 -12.85 25.70 -3.11
CA GLU A 127 -12.84 27.10 -3.50
C GLU A 127 -11.42 27.67 -3.45
N ILE A 128 -10.61 27.23 -2.48
CA ILE A 128 -9.21 27.66 -2.44
C ILE A 128 -8.48 27.21 -3.70
N GLN A 129 -8.68 25.96 -4.10
CA GLN A 129 -8.04 25.45 -5.31
C GLN A 129 -8.51 26.21 -6.55
N GLN A 130 -9.81 26.51 -6.62
CA GLN A 130 -10.32 27.27 -7.75
C GLN A 130 -9.71 28.66 -7.82
N ARG A 131 -9.58 29.33 -6.68
CA ARG A 131 -8.97 30.66 -6.68
C ARG A 131 -7.50 30.61 -7.03
N HIS A 132 -6.77 29.64 -6.48
CA HIS A 132 -5.34 29.54 -6.75
C HIS A 132 -5.02 28.86 -8.07
N GLY A 133 -5.99 28.19 -8.69
CA GLY A 133 -5.75 27.52 -9.95
C GLY A 133 -4.76 26.38 -9.84
N LEU A 134 -4.94 25.53 -8.84
CA LEU A 134 -4.07 24.38 -8.63
C LEU A 134 -4.65 23.14 -9.28
N ALA A 135 -3.77 22.29 -9.80
CA ALA A 135 -4.20 21.04 -10.42
C ALA A 135 -4.64 20.02 -9.37
N ASN A 136 -3.88 19.90 -8.29
CA ASN A 136 -4.16 18.91 -7.26
C ASN A 136 -5.16 19.46 -6.25
N SER A 137 -6.03 18.58 -5.76
CA SER A 137 -6.91 18.93 -4.65
C SER A 137 -6.15 18.74 -3.33
N ILE A 138 -6.83 18.98 -2.22
CA ILE A 138 -6.18 18.87 -0.92
C ILE A 138 -5.84 17.41 -0.62
N SER A 139 -6.76 16.49 -0.90
CA SER A 139 -6.52 15.07 -0.64
C SER A 139 -5.38 14.52 -1.48
N SER A 140 -5.20 15.03 -2.70
CA SER A 140 -4.09 14.60 -3.54
C SER A 140 -2.75 14.92 -2.89
N TYR A 141 -2.64 16.09 -2.26
CA TYR A 141 -1.43 16.43 -1.51
C TYR A 141 -1.32 15.64 -0.21
N LEU A 142 -2.45 15.41 0.46
CA LEU A 142 -2.42 14.73 1.75
C LEU A 142 -1.97 13.29 1.61
N ILE A 143 -2.41 12.60 0.55
CA ILE A 143 -2.07 11.20 0.37
C ILE A 143 -0.61 10.96 0.05
N LYS A 144 0.14 12.02 -0.28
CA LYS A 144 1.50 11.82 -0.81
C LYS A 144 2.46 11.15 0.16
N PRO A 145 2.53 11.49 1.46
CA PRO A 145 3.44 10.75 2.34
C PRO A 145 3.13 9.27 2.43
N VAL A 146 1.84 8.90 2.41
CA VAL A 146 1.46 7.48 2.47
C VAL A 146 2.02 6.75 1.26
N GLN A 147 1.90 7.33 0.08
CA GLN A 147 2.46 6.72 -1.13
C GLN A 147 3.98 6.70 -1.06
N ARG A 148 4.59 7.77 -0.55
CA ARG A 148 6.04 7.88 -0.59
C ARG A 148 6.71 6.88 0.36
N ILE A 149 6.08 6.56 1.49
CA ILE A 149 6.70 5.61 2.40
C ILE A 149 6.74 4.21 1.81
N THR A 150 5.85 3.90 0.87
CA THR A 150 5.79 2.60 0.23
C THR A 150 6.56 2.53 -1.09
N LYS A 151 7.22 3.61 -1.48
CA LYS A 151 8.01 3.63 -2.72
C LYS A 151 9.49 3.40 -2.49
N TYR A 152 10.00 3.67 -1.29
CA TYR A 152 11.42 3.45 -1.01
C TYR A 152 11.77 1.97 -1.08
N GLN A 153 10.87 1.11 -0.59
CA GLN A 153 11.13 -0.33 -0.58
C GLN A 153 11.28 -0.87 -1.99
N LEU A 154 10.45 -0.40 -2.93
CA LEU A 154 10.53 -0.89 -4.30
C LEU A 154 11.85 -0.49 -4.96
N LEU A 155 12.27 0.76 -4.77
CA LEU A 155 13.54 1.21 -5.34
C LEU A 155 14.71 0.47 -4.71
N LEU A 156 14.65 0.22 -3.41
CA LEU A 156 15.71 -0.54 -2.77
C LEU A 156 15.74 -1.98 -3.28
N LYS A 157 14.57 -2.57 -3.53
CA LYS A 157 14.54 -3.92 -4.12
C LYS A 157 15.16 -3.91 -5.51
N GLU A 158 14.84 -2.89 -6.32
CA GLU A 158 15.43 -2.81 -7.65
C GLU A 158 16.95 -2.68 -7.58
N LEU A 159 17.44 -1.85 -6.65
CA LEU A 159 18.88 -1.70 -6.48
C LEU A 159 19.53 -2.95 -5.88
N LEU A 160 18.76 -3.78 -5.19
CA LEU A 160 19.33 -4.97 -4.57
C LEU A 160 19.80 -5.97 -5.61
N THR A 161 19.04 -6.13 -6.70
CA THR A 161 19.35 -7.12 -7.72
C THR A 161 20.38 -6.62 -8.73
N CYS A 162 20.85 -5.37 -8.61
CA CYS A 162 21.81 -4.82 -9.55
C CYS A 162 23.20 -4.61 -8.96
N CYS A 163 23.35 -4.69 -7.65
CA CYS A 163 24.64 -4.46 -7.00
C CYS A 163 25.38 -5.77 -6.78
N GLU A 164 26.68 -5.76 -7.08
CA GLU A 164 27.53 -6.92 -6.85
C GLU A 164 28.26 -6.82 -5.50
N GLU A 165 28.73 -5.63 -5.15
CA GLU A 165 29.33 -5.37 -3.85
C GLU A 165 28.51 -4.33 -3.10
N GLY A 166 28.65 -4.35 -1.77
CA GLY A 166 27.84 -3.49 -0.94
C GLY A 166 26.41 -3.96 -0.79
N LYS A 167 26.15 -5.25 -1.02
CA LYS A 167 24.80 -5.78 -0.90
C LYS A 167 24.29 -5.71 0.54
N GLY A 168 25.20 -5.75 1.51
CA GLY A 168 24.78 -5.69 2.91
C GLY A 168 24.13 -4.37 3.27
N GLU A 169 24.69 -3.26 2.80
CA GLU A 169 24.12 -1.95 3.10
C GLU A 169 22.73 -1.81 2.49
N ILE A 170 22.58 -2.21 1.23
CA ILE A 170 21.29 -2.15 0.57
C ILE A 170 20.29 -3.05 1.28
N LYS A 171 20.73 -4.22 1.72
CA LYS A 171 19.85 -5.13 2.43
C LYS A 171 19.38 -4.53 3.75
N ASP A 172 20.28 -3.89 4.50
CA ASP A 172 19.91 -3.27 5.75
C ASP A 172 18.91 -2.13 5.53
N GLY A 173 19.19 -1.28 4.53
CA GLY A 173 18.25 -0.23 4.20
C GLY A 173 16.89 -0.76 3.80
N LEU A 174 16.89 -1.85 3.03
CA LEU A 174 15.62 -2.47 2.63
C LEU A 174 14.87 -3.02 3.83
N GLU A 175 15.59 -3.63 4.78
CA GLU A 175 14.93 -4.12 5.99
C GLU A 175 14.30 -2.98 6.77
N VAL A 176 15.02 -1.86 6.90
CA VAL A 176 14.47 -0.71 7.63
C VAL A 176 13.23 -0.17 6.93
N MET A 177 13.30 -0.03 5.60
CA MET A 177 12.20 0.56 4.84
C MET A 177 11.08 -0.43 4.56
N LEU A 178 11.26 -1.71 4.91
CA LEU A 178 10.14 -2.65 5.00
C LEU A 178 9.54 -2.66 6.39
N SER A 179 10.36 -2.45 7.42
CA SER A 179 9.86 -2.39 8.79
C SER A 179 8.95 -1.18 9.00
N VAL A 180 9.33 -0.03 8.43
CA VAL A 180 8.55 1.19 8.68
C VAL A 180 7.10 1.07 8.23
N PRO A 181 6.79 0.69 6.99
CA PRO A 181 5.37 0.52 6.61
C PRO A 181 4.67 -0.57 7.39
N LYS A 182 5.40 -1.61 7.80
CA LYS A 182 4.81 -2.65 8.63
C LYS A 182 4.34 -2.09 9.96
N ARG A 183 5.18 -1.25 10.59
CA ARG A 183 4.76 -0.59 11.82
C ARG A 183 3.61 0.38 11.58
N ALA A 184 3.62 1.06 10.43
CA ALA A 184 2.53 1.97 10.11
C ALA A 184 1.20 1.22 9.99
N ASN A 185 1.22 0.04 9.38
CA ASN A 185 0.02 -0.78 9.28
C ASN A 185 -0.39 -1.37 10.63
N ASP A 186 0.59 -1.79 11.43
CA ASP A 186 0.29 -2.33 12.76
C ASP A 186 -0.37 -1.29 13.64
N ALA A 187 0.13 -0.05 13.60
CA ALA A 187 -0.47 1.01 14.41
C ALA A 187 -1.90 1.29 13.99
N MET A 188 -2.19 1.28 12.69
CA MET A 188 -3.55 1.50 12.23
C MET A 188 -4.46 0.36 12.62
N HIS A 189 -3.95 -0.88 12.62
CA HIS A 189 -4.76 -1.99 13.14
C HIS A 189 -5.01 -1.85 14.63
N LEU A 190 -3.99 -1.46 15.39
CA LEU A 190 -4.14 -1.34 16.85
C LEU A 190 -5.07 -0.20 17.23
N SER A 191 -5.15 0.85 16.39
CA SER A 191 -5.98 1.99 16.70
C SER A 191 -7.46 1.65 16.77
N MET A 192 -7.87 0.50 16.26
CA MET A 192 -9.27 0.07 16.30
C MET A 192 -9.55 -0.93 17.42
N LEU A 193 -8.58 -1.17 18.31
CA LEU A 193 -8.77 -2.08 19.42
C LEU A 193 -9.65 -1.40 20.47
N GLU A 194 -10.86 -1.93 20.66
CA GLU A 194 -11.86 -1.34 21.54
C GLU A 194 -12.09 -2.25 22.74
N GLY A 195 -12.29 -1.65 23.91
CA GLY A 195 -12.62 -2.38 25.11
C GLY A 195 -11.44 -2.81 25.95
N PHE A 196 -10.20 -2.51 25.53
CA PHE A 196 -9.03 -2.87 26.31
C PHE A 196 -9.07 -2.17 27.66
N ASP A 197 -9.22 -2.93 28.74
CA ASP A 197 -9.34 -2.38 30.08
C ASP A 197 -7.97 -2.34 30.77
N GLU A 198 -7.03 -1.66 30.12
CA GLU A 198 -5.67 -1.49 30.62
C GLU A 198 -5.03 -0.38 29.79
N ASN A 199 -3.73 -0.17 30.00
CA ASN A 199 -2.99 0.85 29.28
C ASN A 199 -2.25 0.23 28.11
N ILE A 200 -2.40 0.85 26.93
CA ILE A 200 -1.74 0.33 25.73
C ILE A 200 -0.22 0.36 25.91
N GLU A 201 0.31 1.47 26.41
CA GLU A 201 1.74 1.59 26.59
C GLU A 201 2.26 0.69 27.70
N SER A 202 1.39 0.21 28.58
CA SER A 202 1.81 -0.70 29.65
C SER A 202 2.23 -2.06 29.11
N GLN A 203 1.77 -2.44 27.92
CA GLN A 203 2.09 -3.73 27.34
C GLN A 203 3.34 -3.71 26.47
N GLY A 204 3.99 -2.56 26.33
CA GLY A 204 5.14 -2.46 25.46
C GLY A 204 4.76 -2.07 24.04
N GLU A 205 5.62 -2.47 23.11
CA GLU A 205 5.43 -2.17 21.70
C GLU A 205 4.83 -3.37 20.96
N LEU A 206 3.98 -3.08 19.98
CA LEU A 206 3.42 -4.12 19.14
C LEU A 206 4.49 -4.69 18.22
N ILE A 207 4.43 -6.00 17.99
CA ILE A 207 5.41 -6.70 17.17
C ILE A 207 4.76 -7.34 15.95
N LEU A 208 3.63 -8.02 16.15
CA LEU A 208 2.93 -8.68 15.06
C LEU A 208 1.43 -8.61 15.30
N GLN A 209 0.67 -8.75 14.21
CA GLN A 209 -0.78 -8.88 14.29
C GLN A 209 -1.25 -9.66 13.08
N GLU A 210 -2.23 -10.54 13.30
CA GLU A 210 -2.73 -11.42 12.25
C GLU A 210 -4.04 -12.04 12.73
N SER A 211 -4.83 -12.52 11.77
CA SER A 211 -6.10 -13.18 12.06
C SER A 211 -5.93 -14.69 11.97
N PHE A 212 -6.45 -15.40 12.97
CA PHE A 212 -6.30 -16.85 13.08
C PHE A 212 -7.65 -17.48 13.38
N GLN A 213 -7.71 -18.80 13.16
CA GLN A 213 -8.82 -19.63 13.58
C GLN A 213 -8.42 -20.32 14.88
N VAL A 214 -9.18 -20.10 15.94
CA VAL A 214 -8.81 -20.52 17.28
C VAL A 214 -9.86 -21.50 17.80
N TRP A 215 -9.39 -22.64 18.31
CA TRP A 215 -10.23 -23.60 19.00
C TRP A 215 -10.06 -23.38 20.49
N ASP A 216 -11.10 -22.87 21.14
CA ASP A 216 -11.01 -22.54 22.55
C ASP A 216 -11.07 -23.81 23.39
N PRO A 217 -10.04 -24.10 24.20
CA PRO A 217 -10.01 -25.30 25.05
C PRO A 217 -10.97 -25.22 26.24
N LYS A 223 -14.92 -25.53 18.65
CA LYS A 223 -14.86 -25.24 17.22
C LYS A 223 -13.97 -24.03 16.97
N GLY A 224 -13.51 -23.88 15.74
CA GLY A 224 -12.62 -22.77 15.39
C GLY A 224 -13.32 -21.44 15.32
N ARG A 225 -12.88 -20.48 16.14
CA ARG A 225 -13.44 -19.14 16.16
C ARG A 225 -12.35 -18.12 15.86
N GLU A 226 -12.70 -17.11 15.06
CA GLU A 226 -11.74 -16.11 14.65
C GLU A 226 -11.34 -15.23 15.82
N ARG A 227 -10.03 -15.07 16.01
CA ARG A 227 -9.47 -14.23 17.07
C ARG A 227 -8.25 -13.53 16.53
N HIS A 228 -8.37 -12.22 16.28
CA HIS A 228 -7.22 -11.43 15.89
C HIS A 228 -6.26 -11.33 17.07
N LEU A 229 -4.98 -11.59 16.82
CA LEU A 229 -3.98 -11.60 17.87
C LEU A 229 -3.06 -10.40 17.76
N PHE A 230 -2.78 -9.78 18.91
CA PHE A 230 -1.78 -8.72 19.01
C PHE A 230 -0.67 -9.19 19.92
N LEU A 231 0.57 -9.16 19.43
CA LEU A 231 1.72 -9.64 20.18
C LEU A 231 2.51 -8.43 20.67
N PHE A 232 2.33 -8.07 21.94
CA PHE A 232 3.15 -7.04 22.54
C PHE A 232 4.33 -7.69 23.25
N GLU A 233 5.27 -6.85 23.70
CA GLU A 233 6.47 -7.37 24.35
C GLU A 233 6.15 -8.12 25.64
N MET A 234 5.02 -7.80 26.28
CA MET A 234 4.69 -8.38 27.56
C MET A 234 3.35 -9.10 27.60
N SER A 235 2.65 -9.20 26.47
CA SER A 235 1.34 -9.84 26.47
C SER A 235 0.98 -10.31 25.07
N LEU A 236 -0.03 -11.16 25.01
CA LEU A 236 -0.64 -11.58 23.75
C LEU A 236 -2.14 -11.41 23.90
N VAL A 237 -2.74 -10.58 23.04
CA VAL A 237 -4.13 -10.17 23.17
C VAL A 237 -4.95 -10.89 22.11
N PHE A 238 -5.93 -11.67 22.56
CA PHE A 238 -6.93 -12.28 21.69
C PHE A 238 -8.15 -11.36 21.67
N SER A 239 -8.52 -10.88 20.47
CA SER A 239 -9.63 -9.97 20.33
C SER A 239 -10.51 -10.38 19.17
N LYS A 240 -11.83 -10.38 19.39
CA LYS A 240 -12.77 -10.63 18.32
C LYS A 240 -12.88 -9.39 17.42
N GLU A 241 -13.31 -9.62 16.17
CA GLU A 241 -13.58 -8.54 15.23
C GLU A 241 -15.06 -8.53 14.92
N VAL A 242 -15.69 -7.37 15.09
CA VAL A 242 -17.12 -7.21 14.88
C VAL A 242 -17.36 -5.99 13.99
N LYS A 243 -18.56 -5.92 13.42
CA LYS A 243 -18.95 -4.80 12.58
C LYS A 243 -19.34 -3.58 13.41
N ARG A 248 -18.05 -1.44 10.22
CA ARG A 248 -16.66 -1.04 10.33
C ARG A 248 -15.80 -2.19 10.83
N SER A 249 -14.54 -1.89 11.15
CA SER A 249 -13.56 -2.90 11.58
C SER A 249 -13.02 -2.48 12.93
N LYS A 250 -13.70 -2.91 13.99
CA LYS A 250 -13.28 -2.64 15.36
C LYS A 250 -13.05 -3.96 16.09
N TYR A 251 -12.06 -3.96 16.97
CA TYR A 251 -11.63 -5.16 17.69
C TYR A 251 -12.11 -5.08 19.13
N LEU A 252 -12.78 -6.13 19.59
CA LEU A 252 -13.28 -6.22 20.95
C LEU A 252 -12.32 -7.06 21.78
N TYR A 253 -11.76 -6.46 22.83
CA TYR A 253 -10.82 -7.16 23.69
C TYR A 253 -11.49 -8.34 24.37
N LYS A 254 -11.02 -9.54 24.08
CA LYS A 254 -11.60 -10.76 24.65
C LYS A 254 -10.74 -11.34 25.77
N SER A 255 -9.45 -11.54 25.55
CA SER A 255 -8.61 -12.13 26.58
C SER A 255 -7.16 -11.75 26.32
N LYS A 256 -6.31 -11.99 27.32
CA LYS A 256 -4.88 -11.76 27.19
C LYS A 256 -4.13 -12.87 27.90
N LEU A 257 -2.91 -13.12 27.42
CA LEU A 257 -2.02 -14.12 28.01
C LEU A 257 -0.68 -13.48 28.29
N PHE A 258 -0.16 -13.69 29.49
CA PHE A 258 1.16 -13.19 29.83
C PHE A 258 2.22 -14.05 29.14
N THR A 259 3.19 -13.37 28.50
CA THR A 259 4.16 -14.09 27.67
C THR A 259 5.11 -14.94 28.50
N SER A 260 5.40 -14.54 29.74
CA SER A 260 6.34 -15.29 30.57
C SER A 260 5.83 -16.69 30.84
N GLU A 261 4.52 -16.84 31.06
CA GLU A 261 3.90 -18.13 31.32
C GLU A 261 3.52 -18.89 30.06
N LEU A 262 3.78 -18.32 28.89
CA LEU A 262 3.33 -18.90 27.64
C LEU A 262 4.32 -19.94 27.12
N GLY A 263 3.78 -20.95 26.45
CA GLY A 263 4.61 -21.97 25.82
C GLY A 263 3.98 -22.41 24.52
N VAL A 264 4.84 -22.88 23.61
CA VAL A 264 4.47 -23.11 22.22
C VAL A 264 4.67 -24.57 21.86
N THR A 265 3.70 -25.14 21.15
CA THR A 265 3.81 -26.43 20.49
C THR A 265 3.79 -26.18 18.99
N GLU A 266 4.89 -26.52 18.31
CA GLU A 266 5.07 -26.13 16.91
C GLU A 266 4.36 -27.08 15.95
N HIS A 267 4.43 -28.39 16.22
CA HIS A 267 3.89 -29.39 15.31
C HIS A 267 2.62 -29.98 15.92
N VAL A 268 1.51 -29.85 15.21
CA VAL A 268 0.22 -30.41 15.61
C VAL A 268 -0.28 -31.31 14.49
N GLU A 269 -0.59 -32.56 14.83
CA GLU A 269 -1.03 -33.52 13.84
C GLU A 269 -2.43 -33.17 13.33
N GLY A 270 -2.74 -33.65 12.13
CA GLY A 270 -4.03 -33.44 11.51
C GLY A 270 -4.06 -32.29 10.52
N ASP A 271 -3.11 -31.36 10.61
CA ASP A 271 -3.05 -30.22 9.70
C ASP A 271 -1.69 -29.56 9.80
N PRO A 272 -1.07 -29.20 8.67
CA PRO A 272 0.26 -28.56 8.72
C PRO A 272 0.23 -27.09 9.09
N CYS A 273 -0.94 -26.47 9.16
CA CYS A 273 -1.06 -25.04 9.44
C CYS A 273 -1.54 -24.76 10.87
N LYS A 274 -1.45 -25.73 11.77
CA LYS A 274 -1.94 -25.57 13.13
C LYS A 274 -0.77 -25.59 14.11
N PHE A 275 -0.87 -24.76 15.15
CA PHE A 275 0.11 -24.72 16.22
C PHE A 275 -0.60 -24.41 17.52
N ALA A 276 0.01 -24.79 18.64
CA ALA A 276 -0.66 -24.71 19.93
C ALA A 276 0.07 -23.75 20.87
N LEU A 277 -0.71 -23.10 21.72
CA LEU A 277 -0.21 -22.26 22.79
C LEU A 277 -0.81 -22.74 24.11
N TRP A 278 0.01 -22.72 25.16
CA TRP A 278 -0.44 -23.19 26.46
C TRP A 278 0.16 -22.31 27.55
N VAL A 279 -0.44 -22.38 28.74
CA VAL A 279 -0.01 -21.60 29.88
C VAL A 279 0.23 -22.54 31.05
N GLY A 280 1.00 -22.06 32.02
CA GLY A 280 1.37 -22.84 33.18
C GLY A 280 2.66 -23.62 32.96
N ARG A 281 3.19 -24.14 34.07
CA ARG A 281 4.44 -24.90 34.01
C ARG A 281 4.27 -26.18 33.21
N THR A 282 3.16 -26.89 33.42
CA THR A 282 2.93 -28.17 32.75
C THR A 282 1.97 -27.98 31.59
N PRO A 283 2.36 -28.29 30.35
CA PRO A 283 1.43 -28.18 29.23
C PRO A 283 0.37 -29.26 29.26
N THR A 284 -0.55 -29.18 30.23
CA THR A 284 -1.58 -30.19 30.37
C THR A 284 -2.55 -30.15 29.19
N SER A 285 -3.02 -31.33 28.79
CA SER A 285 -3.94 -31.43 27.68
C SER A 285 -5.31 -30.88 28.08
N ASP A 286 -6.17 -30.69 27.06
CA ASP A 286 -7.52 -30.15 27.15
C ASP A 286 -7.52 -28.66 27.52
N ASN A 287 -6.36 -28.08 27.79
CA ASN A 287 -6.22 -26.65 28.04
C ASN A 287 -5.24 -26.04 27.04
N LYS A 288 -5.32 -26.50 25.80
CA LYS A 288 -4.41 -26.08 24.74
C LYS A 288 -5.16 -25.22 23.73
N ILE A 289 -4.63 -24.04 23.45
CA ILE A 289 -5.21 -23.12 22.49
C ILE A 289 -4.63 -23.45 21.12
N VAL A 290 -5.47 -23.97 20.23
CA VAL A 290 -5.04 -24.38 18.90
C VAL A 290 -5.38 -23.26 17.92
N LEU A 291 -4.37 -22.82 17.16
CA LEU A 291 -4.55 -21.75 16.19
C LEU A 291 -4.08 -22.23 14.82
N LYS A 292 -4.88 -21.92 13.80
CA LYS A 292 -4.62 -22.34 12.43
C LYS A 292 -4.14 -21.14 11.63
N ALA A 293 -2.89 -21.19 11.17
CA ALA A 293 -2.33 -20.11 10.36
C ALA A 293 -2.86 -20.20 8.94
N SER A 294 -2.69 -19.09 8.20
CA SER A 294 -3.15 -19.04 6.82
C SER A 294 -2.15 -19.64 5.83
N SER A 295 -0.90 -19.85 6.26
CA SER A 295 0.12 -20.40 5.39
C SER A 295 1.25 -20.93 6.25
N ILE A 296 2.14 -21.70 5.61
CA ILE A 296 3.30 -22.23 6.33
C ILE A 296 4.25 -21.11 6.73
N GLU A 297 4.44 -20.13 5.84
CA GLU A 297 5.35 -19.02 6.15
C GLU A 297 4.83 -18.20 7.33
N ASN A 298 3.52 -17.92 7.35
CA ASN A 298 2.95 -17.19 8.47
C ASN A 298 3.13 -17.96 9.77
N LYS A 299 2.88 -19.27 9.74
CA LYS A 299 3.04 -20.09 10.92
C LYS A 299 4.48 -20.07 11.42
N GLN A 300 5.45 -20.21 10.51
CA GLN A 300 6.84 -20.21 10.91
C GLN A 300 7.26 -18.86 11.47
N ASP A 301 6.83 -17.77 10.84
CA ASP A 301 7.17 -16.43 11.34
C ASP A 301 6.59 -16.20 12.71
N TRP A 302 5.32 -16.59 12.93
CA TRP A 302 4.71 -16.43 14.24
C TRP A 302 5.42 -17.27 15.28
N ILE A 303 5.80 -18.51 14.93
CA ILE A 303 6.51 -19.37 15.88
C ILE A 303 7.83 -18.71 16.27
N LYS A 304 8.58 -18.21 15.28
CA LYS A 304 9.87 -17.61 15.56
C LYS A 304 9.72 -16.37 16.45
N HIS A 305 8.76 -15.50 16.14
CA HIS A 305 8.60 -14.29 16.93
C HIS A 305 8.12 -14.59 18.34
N ILE A 306 7.19 -15.54 18.49
CA ILE A 306 6.71 -15.89 19.82
C ILE A 306 7.83 -16.51 20.65
N ARG A 307 8.65 -17.36 20.04
CA ARG A 307 9.77 -17.94 20.76
C ARG A 307 10.78 -16.87 21.16
N GLU A 308 11.00 -15.89 20.28
CA GLU A 308 11.89 -14.78 20.64
C GLU A 308 11.34 -13.98 21.81
N VAL A 309 10.03 -13.73 21.81
CA VAL A 309 9.40 -13.01 22.93
C VAL A 309 9.57 -13.79 24.22
N ILE A 310 9.33 -15.11 24.17
CA ILE A 310 9.47 -15.93 25.36
C ILE A 310 10.89 -15.93 25.87
N GLN A 311 11.87 -16.04 24.96
CA GLN A 311 13.27 -15.99 25.36
C GLN A 311 13.62 -14.63 25.98
N GLU A 312 13.07 -13.56 25.42
CA GLU A 312 13.31 -12.23 25.98
C GLU A 312 12.75 -12.11 27.39
N ARG A 313 11.56 -12.67 27.63
CA ARG A 313 10.94 -12.57 28.95
C ARG A 313 11.65 -13.40 30.00
N THR A 314 12.58 -14.27 29.62
CA THR A 314 13.33 -15.07 30.58
C THR A 314 14.81 -14.71 30.53
N MET B 4 -16.75 21.77 -16.36
CA MET B 4 -15.54 20.95 -16.38
C MET B 4 -15.55 19.96 -15.22
N GLN B 5 -16.30 18.88 -15.38
CA GLN B 5 -16.43 17.89 -14.32
C GLN B 5 -15.10 17.19 -14.08
N ALA B 6 -14.77 17.00 -12.80
CA ALA B 6 -13.56 16.30 -12.40
C ALA B 6 -13.90 14.85 -12.08
N ILE B 7 -13.11 13.93 -12.62
CA ILE B 7 -13.29 12.49 -12.45
C ILE B 7 -12.00 11.92 -11.89
N LYS B 8 -12.13 11.02 -10.91
CA LYS B 8 -10.99 10.37 -10.28
C LYS B 8 -11.03 8.88 -10.57
N CYS B 9 -9.91 8.33 -11.04
CA CYS B 9 -9.80 6.94 -11.42
C CYS B 9 -8.63 6.32 -10.67
N VAL B 10 -8.90 5.26 -9.92
CA VAL B 10 -7.88 4.59 -9.10
C VAL B 10 -7.65 3.21 -9.68
N VAL B 11 -6.38 2.85 -9.89
CA VAL B 11 -6.02 1.54 -10.42
C VAL B 11 -5.60 0.62 -9.28
N VAL B 12 -6.20 -0.56 -9.21
CA VAL B 12 -5.93 -1.53 -8.15
C VAL B 12 -5.61 -2.87 -8.81
N GLY B 13 -4.56 -3.52 -8.33
CA GLY B 13 -4.18 -4.83 -8.85
C GLY B 13 -2.95 -5.33 -8.14
N ASP B 14 -2.51 -6.51 -8.55
CA ASP B 14 -1.33 -7.13 -7.97
C ASP B 14 -0.07 -6.41 -8.44
N GLY B 15 1.06 -6.78 -7.83
CA GLY B 15 2.33 -6.13 -8.15
C GLY B 15 2.80 -6.42 -9.57
N ALA B 16 2.63 -7.66 -10.03
CA ALA B 16 3.12 -8.07 -11.34
C ALA B 16 2.17 -7.73 -12.47
N VAL B 17 1.00 -7.14 -12.18
CA VAL B 17 0.05 -6.80 -13.22
C VAL B 17 0.64 -5.77 -14.18
N GLY B 18 1.34 -4.77 -13.63
CA GLY B 18 1.93 -3.74 -14.46
C GLY B 18 1.07 -2.50 -14.60
N LYS B 19 0.59 -1.97 -13.47
CA LYS B 19 -0.24 -0.77 -13.50
C LYS B 19 0.59 0.48 -13.76
N THR B 20 1.79 0.56 -13.20
CA THR B 20 2.62 1.75 -13.38
C THR B 20 2.98 1.96 -14.84
N CYS B 21 3.38 0.88 -15.53
CA CYS B 21 3.65 1.00 -16.97
C CYS B 21 2.36 1.23 -17.74
N LEU B 22 1.26 0.62 -17.29
CA LEU B 22 -0.04 0.86 -17.91
C LEU B 22 -0.38 2.34 -17.94
N LEU B 23 -0.05 3.06 -16.87
CA LEU B 23 -0.34 4.49 -16.80
C LEU B 23 0.72 5.32 -17.50
N ILE B 24 2.00 4.93 -17.40
CA ILE B 24 3.06 5.70 -18.05
C ILE B 24 2.90 5.68 -19.56
N SER B 25 2.60 4.51 -20.14
CA SER B 25 2.45 4.43 -21.58
C SER B 25 1.24 5.21 -22.07
N TYR B 26 0.19 5.30 -21.27
CA TYR B 26 -0.98 6.08 -21.66
C TYR B 26 -0.70 7.58 -21.57
N THR B 27 -0.06 8.01 -20.49
CA THR B 27 0.15 9.45 -20.30
C THR B 27 1.23 9.99 -21.23
N THR B 28 2.35 9.30 -21.38
CA THR B 28 3.43 9.78 -22.22
C THR B 28 3.29 9.37 -23.69
N ASN B 29 2.27 8.57 -24.02
CA ASN B 29 2.02 8.13 -25.39
C ASN B 29 3.21 7.38 -25.97
N ALA B 30 4.01 6.75 -25.11
CA ALA B 30 5.17 6.00 -25.56
C ALA B 30 5.56 5.01 -24.47
N PHE B 31 5.94 3.80 -24.89
CA PHE B 31 6.40 2.80 -23.95
C PHE B 31 7.70 3.28 -23.30
N PRO B 32 7.88 3.03 -21.99
CA PRO B 32 9.09 3.53 -21.32
C PRO B 32 10.39 3.05 -21.96
N GLY B 33 10.43 1.82 -22.43
CA GLY B 33 11.60 1.31 -23.12
C GLY B 33 12.56 0.55 -22.23
N GLU B 34 13.80 1.04 -22.15
CA GLU B 34 14.83 0.34 -21.38
C GLU B 34 14.47 0.26 -19.90
N TYR B 35 14.00 1.36 -19.33
CA TYR B 35 13.68 1.43 -17.90
C TYR B 35 12.18 1.70 -17.74
N ILE B 36 11.51 0.85 -16.98
CA ILE B 36 10.10 1.05 -16.63
C ILE B 36 10.05 1.82 -15.32
N PRO B 37 9.38 2.96 -15.25
CA PRO B 37 9.37 3.76 -14.02
C PRO B 37 8.77 3.00 -12.86
N THR B 38 9.33 3.25 -11.67
CA THR B 38 8.80 2.67 -10.44
C THR B 38 7.80 3.58 -9.74
N VAL B 39 7.95 4.89 -9.88
CA VAL B 39 7.12 5.87 -9.21
C VAL B 39 6.30 6.63 -10.26
N PHE B 40 5.00 6.68 -10.06
CA PHE B 40 4.09 7.43 -10.92
C PHE B 40 3.25 8.36 -10.04
N ASP B 41 3.60 9.64 -10.04
CA ASP B 41 2.86 10.62 -9.25
C ASP B 41 1.45 10.79 -9.80
N ASN B 42 0.55 11.24 -8.91
CA ASN B 42 -0.85 11.40 -9.29
C ASN B 42 -0.99 12.29 -10.51
N TYR B 43 -1.83 11.88 -11.45
CA TYR B 43 -1.94 12.55 -12.74
C TYR B 43 -3.28 13.28 -12.84
N SER B 44 -3.29 14.38 -13.59
CA SER B 44 -4.51 15.11 -13.84
C SER B 44 -4.37 15.88 -15.15
N ALA B 45 -5.31 15.68 -16.06
CA ALA B 45 -5.25 16.34 -17.35
C ALA B 45 -6.64 16.43 -17.95
N ASN B 46 -6.79 17.35 -18.91
CA ASN B 46 -8.06 17.55 -19.59
C ASN B 46 -8.21 16.55 -20.73
N VAL B 47 -9.34 15.84 -20.74
CA VAL B 47 -9.62 14.83 -21.76
C VAL B 47 -10.98 15.15 -22.38
N MET B 48 -11.02 15.19 -23.71
CA MET B 48 -12.25 15.51 -24.45
C MET B 48 -12.84 14.21 -24.97
N VAL B 49 -14.00 13.82 -24.42
CA VAL B 49 -14.68 12.58 -24.79
C VAL B 49 -16.11 12.92 -25.17
N ASP B 50 -16.50 12.55 -26.40
CA ASP B 50 -17.87 12.70 -26.90
C ASP B 50 -18.36 14.14 -26.77
N GLY B 51 -17.48 15.09 -27.07
CA GLY B 51 -17.84 16.49 -26.99
C GLY B 51 -18.09 17.00 -25.59
N LYS B 52 -17.65 16.28 -24.57
CA LYS B 52 -17.85 16.64 -23.18
C LYS B 52 -16.50 16.64 -22.47
N PRO B 53 -15.78 17.76 -22.50
CA PRO B 53 -14.47 17.80 -21.83
C PRO B 53 -14.60 17.56 -20.34
N VAL B 54 -13.65 16.80 -19.79
CA VAL B 54 -13.59 16.50 -18.36
C VAL B 54 -12.15 16.64 -17.91
N ASN B 55 -11.95 16.68 -16.60
CA ASN B 55 -10.62 16.68 -16.00
C ASN B 55 -10.43 15.32 -15.34
N LEU B 56 -9.61 14.47 -15.96
CA LEU B 56 -9.40 13.12 -15.46
C LEU B 56 -8.15 13.09 -14.60
N GLY B 57 -8.27 12.47 -13.43
CA GLY B 57 -7.14 12.27 -12.53
C GLY B 57 -6.91 10.79 -12.33
N LEU B 58 -5.65 10.40 -12.31
CA LEU B 58 -5.23 9.00 -12.25
C LEU B 58 -4.44 8.76 -10.98
N TRP B 59 -4.83 7.72 -10.24
CA TRP B 59 -4.22 7.33 -8.99
C TRP B 59 -3.62 5.93 -9.13
N ASP B 60 -2.34 5.81 -8.78
CA ASP B 60 -1.61 4.56 -8.85
C ASP B 60 -1.32 4.06 -7.45
N THR B 61 -1.66 2.80 -7.18
CA THR B 61 -1.50 2.20 -5.86
C THR B 61 -0.36 1.20 -5.81
N ALA B 62 0.73 1.48 -6.52
CA ALA B 62 1.88 0.58 -6.50
C ALA B 62 2.57 0.63 -5.14
N GLY B 63 3.05 -0.54 -4.70
CA GLY B 63 3.75 -0.64 -3.43
C GLY B 63 2.86 -0.79 -2.22
N GLN B 64 1.53 -0.80 -2.39
CA GLN B 64 0.60 -0.89 -1.28
C GLN B 64 -0.15 -2.22 -1.27
N GLU B 65 0.45 -3.26 -1.85
CA GLU B 65 -0.23 -4.55 -1.93
C GLU B 65 -0.23 -5.29 -0.59
N ASP B 66 0.90 -5.25 0.14
CA ASP B 66 1.05 -5.99 1.38
C ASP B 66 0.70 -5.17 2.62
N TYR B 67 -0.16 -4.15 2.48
CA TYR B 67 -0.55 -3.29 3.60
C TYR B 67 -2.05 -3.07 3.52
N ASP B 68 -2.81 -3.91 4.24
CA ASP B 68 -4.26 -3.91 4.13
C ASP B 68 -4.93 -2.72 4.79
N ARG B 69 -4.20 -1.90 5.55
CA ARG B 69 -4.76 -0.69 6.14
C ARG B 69 -4.26 0.60 5.51
N LEU B 70 -3.01 0.63 5.05
CA LEU B 70 -2.55 1.79 4.30
C LEU B 70 -3.19 1.86 2.92
N ARG B 71 -3.50 0.71 2.34
CA ARG B 71 -4.05 0.67 0.98
C ARG B 71 -5.40 1.37 0.85
N PRO B 72 -6.41 1.11 1.71
CA PRO B 72 -7.73 1.68 1.45
C PRO B 72 -7.84 3.17 1.75
N LEU B 73 -6.72 3.83 2.03
CA LEU B 73 -6.75 5.26 2.29
C LEU B 73 -7.08 6.07 1.05
N SER B 74 -6.86 5.51 -0.14
CA SER B 74 -7.14 6.19 -1.40
C SER B 74 -8.53 5.90 -1.95
N TYR B 75 -9.30 5.05 -1.29
CA TYR B 75 -10.60 4.63 -1.80
C TYR B 75 -11.71 5.67 -1.64
N PRO B 76 -11.82 6.39 -0.51
CA PRO B 76 -12.90 7.37 -0.38
C PRO B 76 -12.86 8.43 -1.47
N GLN B 77 -14.04 8.77 -1.97
CA GLN B 77 -14.21 9.76 -3.04
C GLN B 77 -13.41 9.36 -4.29
N THR B 78 -13.76 8.20 -4.83
CA THR B 78 -13.19 7.71 -6.08
C THR B 78 -14.31 7.57 -7.11
N ASP B 79 -14.13 8.16 -8.28
CA ASP B 79 -15.18 8.13 -9.29
C ASP B 79 -15.25 6.78 -9.99
N VAL B 80 -14.10 6.15 -10.27
CA VAL B 80 -14.10 4.87 -10.98
C VAL B 80 -12.85 4.09 -10.61
N PHE B 81 -12.99 2.76 -10.57
CA PHE B 81 -11.91 1.84 -10.28
C PHE B 81 -11.52 1.05 -11.52
N LEU B 82 -10.23 0.79 -11.66
CA LEU B 82 -9.70 -0.11 -12.67
C LEU B 82 -9.09 -1.32 -11.95
N ILE B 83 -9.79 -2.44 -11.97
CA ILE B 83 -9.27 -3.68 -11.40
C ILE B 83 -8.46 -4.36 -12.49
N CYS B 84 -7.14 -4.35 -12.32
CA CYS B 84 -6.22 -4.82 -13.36
C CYS B 84 -5.60 -6.14 -12.95
N PHE B 85 -5.64 -7.11 -13.87
CA PHE B 85 -4.95 -8.39 -13.68
C PHE B 85 -4.06 -8.63 -14.90
N SER B 86 -3.34 -9.75 -14.88
CA SER B 86 -2.44 -10.12 -15.95
C SER B 86 -2.97 -11.37 -16.65
N LEU B 87 -2.83 -11.40 -17.97
CA LEU B 87 -3.28 -12.53 -18.77
C LEU B 87 -2.29 -13.68 -18.80
N VAL B 88 -1.09 -13.50 -18.27
CA VAL B 88 -0.08 -14.55 -18.24
C VAL B 88 0.20 -14.95 -16.80
N SER B 89 -0.80 -14.77 -15.93
CA SER B 89 -0.69 -15.11 -14.52
C SER B 89 -2.07 -15.34 -13.93
N PRO B 90 -2.54 -16.59 -13.88
CA PRO B 90 -3.86 -16.86 -13.29
C PRO B 90 -3.96 -16.54 -11.81
N ALA B 91 -2.84 -16.43 -11.10
CA ALA B 91 -2.88 -16.09 -9.68
C ALA B 91 -3.51 -14.73 -9.46
N SER B 92 -3.15 -13.74 -10.28
CA SER B 92 -3.81 -12.44 -10.20
C SER B 92 -5.29 -12.55 -10.56
N PHE B 93 -5.60 -13.42 -11.53
CA PHE B 93 -7.00 -13.61 -11.90
C PHE B 93 -7.83 -14.13 -10.73
N GLU B 94 -7.26 -15.02 -9.92
CA GLU B 94 -7.95 -15.49 -8.73
C GLU B 94 -7.97 -14.45 -7.61
N ASN B 95 -6.89 -13.69 -7.44
CA ASN B 95 -6.88 -12.62 -6.45
C ASN B 95 -7.87 -11.52 -6.79
N VAL B 96 -8.27 -11.39 -8.04
CA VAL B 96 -9.27 -10.39 -8.42
C VAL B 96 -10.57 -10.65 -7.68
N ARG B 97 -11.03 -11.91 -7.66
CA ARG B 97 -12.23 -12.27 -6.92
C ARG B 97 -11.94 -12.61 -5.46
N ALA B 98 -10.67 -12.78 -5.09
CA ALA B 98 -10.34 -13.15 -3.71
C ALA B 98 -9.99 -11.95 -2.85
N LYS B 99 -9.27 -10.97 -3.41
CA LYS B 99 -8.74 -9.86 -2.63
C LYS B 99 -9.28 -8.51 -3.04
N TRP B 100 -9.20 -8.16 -4.33
CA TRP B 100 -9.43 -6.77 -4.73
C TRP B 100 -10.91 -6.42 -4.79
N TYR B 101 -11.72 -7.26 -5.44
CA TYR B 101 -13.14 -6.96 -5.56
C TYR B 101 -13.84 -6.85 -4.21
N PRO B 102 -13.65 -7.77 -3.25
CA PRO B 102 -14.32 -7.59 -1.95
C PRO B 102 -13.94 -6.30 -1.25
N GLU B 103 -12.66 -5.94 -1.25
CA GLU B 103 -12.22 -4.73 -0.58
C GLU B 103 -12.79 -3.48 -1.26
N VAL B 104 -12.72 -3.44 -2.59
CA VAL B 104 -13.20 -2.28 -3.32
C VAL B 104 -14.70 -2.11 -3.14
N ARG B 105 -15.46 -3.20 -3.22
CA ARG B 105 -16.90 -3.10 -3.05
C ARG B 105 -17.30 -2.84 -1.59
N HIS B 106 -16.46 -3.24 -0.63
CA HIS B 106 -16.74 -2.92 0.76
C HIS B 106 -16.54 -1.44 1.04
N HIS B 107 -15.42 -0.88 0.59
CA HIS B 107 -15.14 0.52 0.88
C HIS B 107 -15.96 1.46 -0.01
N CYS B 108 -16.21 1.08 -1.26
CA CYS B 108 -16.94 1.92 -2.22
C CYS B 108 -18.11 1.12 -2.78
N PRO B 109 -19.24 1.11 -2.09
CA PRO B 109 -20.36 0.25 -2.51
C PRO B 109 -20.98 0.63 -3.86
N ASN B 110 -20.74 1.84 -4.37
CA ASN B 110 -21.41 2.28 -5.58
C ASN B 110 -20.47 2.76 -6.68
N THR B 111 -19.16 2.72 -6.48
CA THR B 111 -18.24 3.18 -7.51
C THR B 111 -18.16 2.18 -8.65
N PRO B 112 -18.26 2.60 -9.90
CA PRO B 112 -18.14 1.66 -11.01
C PRO B 112 -16.73 1.10 -11.15
N ILE B 113 -16.65 -0.09 -11.72
CA ILE B 113 -15.42 -0.85 -11.85
C ILE B 113 -15.26 -1.30 -13.30
N ILE B 114 -14.05 -1.17 -13.83
CA ILE B 114 -13.68 -1.69 -15.14
C ILE B 114 -12.62 -2.76 -14.94
N LEU B 115 -12.83 -3.93 -15.54
CA LEU B 115 -11.94 -5.07 -15.39
C LEU B 115 -10.97 -5.10 -16.56
N VAL B 116 -9.69 -4.83 -16.29
CA VAL B 116 -8.66 -4.70 -17.32
C VAL B 116 -7.71 -5.88 -17.21
N GLY B 117 -7.40 -6.49 -18.35
CA GLY B 117 -6.39 -7.52 -18.43
C GLY B 117 -5.19 -7.06 -19.23
N THR B 118 -4.02 -6.97 -18.59
CA THR B 118 -2.86 -6.36 -19.20
C THR B 118 -1.98 -7.42 -19.85
N LYS B 119 -0.85 -6.97 -20.43
CA LYS B 119 0.13 -7.84 -21.07
C LYS B 119 -0.51 -8.71 -22.14
N LEU B 120 -1.32 -8.07 -22.99
CA LEU B 120 -1.95 -8.77 -24.10
C LEU B 120 -0.93 -9.26 -25.13
N ASP B 121 0.22 -8.62 -25.21
CA ASP B 121 1.22 -8.97 -26.21
C ASP B 121 1.96 -10.27 -25.89
N LEU B 122 2.04 -10.65 -24.62
CA LEU B 122 2.72 -11.87 -24.22
C LEU B 122 1.82 -13.10 -24.27
N ARG B 123 0.55 -12.94 -24.63
CA ARG B 123 -0.36 -14.07 -24.63
C ARG B 123 0.00 -15.08 -25.72
N ASP B 124 0.47 -14.61 -26.86
CA ASP B 124 0.82 -15.47 -27.99
C ASP B 124 2.30 -15.83 -28.04
N ASP B 125 3.08 -15.41 -27.05
CA ASP B 125 4.50 -15.75 -27.04
C ASP B 125 4.68 -17.25 -26.86
N LYS B 126 5.69 -17.80 -27.55
CA LYS B 126 6.00 -19.21 -27.44
C LYS B 126 6.94 -19.53 -26.29
N ASP B 127 7.45 -18.52 -25.58
CA ASP B 127 8.23 -18.75 -24.39
C ASP B 127 7.37 -18.71 -23.13
N THR B 128 6.46 -17.73 -23.05
CA THR B 128 5.54 -17.66 -21.92
C THR B 128 4.64 -18.88 -21.87
N ILE B 129 4.16 -19.34 -23.03
CA ILE B 129 3.31 -20.53 -23.08
C ILE B 129 4.05 -21.75 -22.56
N GLU B 130 5.31 -21.93 -22.98
CA GLU B 130 6.08 -23.07 -22.51
C GLU B 130 6.36 -22.97 -21.02
N LYS B 131 6.69 -21.77 -20.52
CA LYS B 131 6.96 -21.62 -19.10
C LYS B 131 5.71 -21.87 -18.26
N LEU B 132 4.54 -21.49 -18.77
CA LEU B 132 3.31 -21.80 -18.05
C LEU B 132 2.96 -23.28 -18.15
N LYS B 133 3.31 -23.93 -19.26
CA LYS B 133 3.09 -25.37 -19.37
C LYS B 133 3.98 -26.14 -18.40
N GLU B 134 5.18 -25.64 -18.12
CA GLU B 134 6.06 -26.30 -17.16
C GLU B 134 5.42 -26.38 -15.78
N LYS B 135 4.53 -25.44 -15.45
CA LYS B 135 3.85 -25.43 -14.17
C LYS B 135 2.37 -25.80 -14.29
N LYS B 136 1.98 -26.43 -15.40
CA LYS B 136 0.60 -26.85 -15.65
C LYS B 136 -0.35 -25.65 -15.58
N LEU B 137 0.04 -24.55 -16.23
CA LEU B 137 -0.74 -23.33 -16.26
C LEU B 137 -0.98 -22.91 -17.71
N THR B 138 -2.08 -22.20 -17.93
CA THR B 138 -2.44 -21.69 -19.25
C THR B 138 -2.81 -20.23 -19.15
N PRO B 139 -2.51 -19.44 -20.18
CA PRO B 139 -2.91 -18.02 -20.17
C PRO B 139 -4.42 -17.88 -20.13
N ILE B 140 -4.87 -16.78 -19.53
CA ILE B 140 -6.30 -16.51 -19.38
C ILE B 140 -6.85 -16.06 -20.73
N THR B 141 -7.86 -16.76 -21.22
CA THR B 141 -8.46 -16.39 -22.49
C THR B 141 -9.49 -15.28 -22.28
N TYR B 142 -9.99 -14.76 -23.41
CA TYR B 142 -11.02 -13.72 -23.36
C TYR B 142 -12.31 -14.18 -22.69
N PRO B 143 -12.86 -15.36 -23.00
CA PRO B 143 -14.11 -15.76 -22.33
C PRO B 143 -14.00 -15.88 -20.82
N GLN B 144 -12.85 -16.32 -20.30
CA GLN B 144 -12.69 -16.37 -18.84
C GLN B 144 -12.74 -14.99 -18.24
N GLY B 145 -12.06 -14.02 -18.86
CA GLY B 145 -12.11 -12.65 -18.36
C GLY B 145 -13.51 -12.08 -18.42
N LEU B 146 -14.23 -12.34 -19.52
CA LEU B 146 -15.60 -11.86 -19.63
C LEU B 146 -16.50 -12.48 -18.56
N ALA B 147 -16.31 -13.78 -18.30
CA ALA B 147 -17.11 -14.45 -17.27
C ALA B 147 -16.81 -13.86 -15.89
N MET B 148 -15.55 -13.59 -15.57
CA MET B 148 -15.24 -12.99 -14.29
C MET B 148 -15.77 -11.56 -14.19
N ALA B 149 -15.74 -10.82 -15.29
CA ALA B 149 -16.31 -9.47 -15.30
C ALA B 149 -17.80 -9.52 -15.03
N LYS B 150 -18.51 -10.48 -15.62
CA LYS B 150 -19.93 -10.65 -15.31
C LYS B 150 -20.13 -11.13 -13.88
N GLU B 151 -19.16 -11.85 -13.32
CA GLU B 151 -19.28 -12.34 -11.95
C GLU B 151 -19.24 -11.19 -10.94
N ILE B 152 -18.26 -10.31 -11.07
CA ILE B 152 -18.06 -9.23 -10.09
C ILE B 152 -18.87 -8.00 -10.49
N GLY B 153 -19.74 -8.14 -11.48
CA GLY B 153 -20.58 -7.05 -11.89
C GLY B 153 -19.84 -5.85 -12.45
N ALA B 154 -18.66 -6.06 -13.03
CA ALA B 154 -17.90 -4.95 -13.59
C ALA B 154 -18.62 -4.38 -14.80
N VAL B 155 -18.43 -3.07 -15.02
CA VAL B 155 -19.12 -2.39 -16.10
C VAL B 155 -18.65 -2.90 -17.46
N LYS B 156 -17.34 -3.06 -17.62
CA LYS B 156 -16.77 -3.45 -18.91
C LYS B 156 -15.49 -4.22 -18.69
N TYR B 157 -15.29 -5.26 -19.49
CA TYR B 157 -14.04 -6.01 -19.53
C TYR B 157 -13.24 -5.57 -20.75
N LEU B 158 -11.97 -5.22 -20.53
CA LEU B 158 -11.11 -4.73 -21.60
C LEU B 158 -9.74 -5.37 -21.47
N GLU B 159 -9.05 -5.44 -22.59
CA GLU B 159 -7.68 -5.95 -22.64
C GLU B 159 -6.79 -4.91 -23.29
N CYS B 160 -5.61 -4.70 -22.72
CA CYS B 160 -4.70 -3.67 -23.17
C CYS B 160 -3.29 -4.24 -23.22
N SER B 161 -2.39 -3.51 -23.89
CA SER B 161 -0.98 -3.88 -23.97
C SER B 161 -0.16 -2.60 -23.90
N ALA B 162 0.58 -2.43 -22.81
CA ALA B 162 1.41 -1.24 -22.66
C ALA B 162 2.55 -1.19 -23.67
N LEU B 163 2.96 -2.35 -24.20
CA LEU B 163 4.08 -2.37 -25.14
C LEU B 163 3.68 -1.83 -26.51
N THR B 164 2.49 -2.19 -26.98
CA THR B 164 2.04 -1.80 -28.31
C THR B 164 0.89 -0.80 -28.28
N GLN B 165 0.39 -0.45 -27.09
CA GLN B 165 -0.70 0.53 -26.93
C GLN B 165 -1.94 0.11 -27.70
N ARG B 166 -2.23 -1.19 -27.71
CA ARG B 166 -3.43 -1.71 -28.35
C ARG B 166 -4.53 -1.82 -27.31
N GLY B 167 -5.59 -1.03 -27.48
CA GLY B 167 -6.67 -0.99 -26.52
C GLY B 167 -6.41 -0.15 -25.29
N LEU B 168 -5.25 0.50 -25.20
CA LEU B 168 -4.91 1.28 -24.01
C LEU B 168 -5.67 2.61 -23.99
N LYS B 169 -5.90 3.22 -25.15
CA LYS B 169 -6.66 4.47 -25.19
C LYS B 169 -8.14 4.25 -24.96
N THR B 170 -8.66 3.06 -25.26
CA THR B 170 -10.08 2.78 -25.06
C THR B 170 -10.42 2.56 -23.59
N VAL B 171 -9.47 2.06 -22.79
CA VAL B 171 -9.74 1.75 -21.40
C VAL B 171 -10.16 3.00 -20.64
N PHE B 172 -9.36 4.07 -20.74
CA PHE B 172 -9.66 5.27 -19.98
C PHE B 172 -10.87 6.01 -20.56
N ASP B 173 -11.08 5.94 -21.87
CA ASP B 173 -12.29 6.52 -22.46
C ASP B 173 -13.54 5.83 -21.94
N GLU B 174 -13.51 4.50 -21.85
CA GLU B 174 -14.64 3.77 -21.30
C GLU B 174 -14.82 4.06 -19.81
N ALA B 175 -13.71 4.21 -19.08
CA ALA B 175 -13.80 4.57 -17.66
C ALA B 175 -14.47 5.93 -17.49
N ILE B 176 -14.08 6.91 -18.31
CA ILE B 176 -14.71 8.22 -18.26
C ILE B 176 -16.19 8.12 -18.61
N ARG B 177 -16.51 7.38 -19.68
CA ARG B 177 -17.90 7.26 -20.11
C ARG B 177 -18.77 6.53 -19.09
N ALA B 178 -18.18 5.68 -18.25
CA ALA B 178 -18.94 5.00 -17.22
C ALA B 178 -19.52 6.00 -16.21
N VAL B 179 -18.72 6.99 -15.81
CA VAL B 179 -19.21 7.99 -14.86
C VAL B 179 -20.28 8.86 -15.50
N LEU B 180 -20.07 9.29 -16.74
CA LEU B 180 -21.02 10.13 -17.43
C LEU B 180 -22.34 9.41 -17.67
#